data_3FGT
#
_entry.id   3FGT
#
_cell.length_a   145.570
_cell.length_b   88.220
_cell.length_c   63.270
_cell.angle_alpha   90.00
_cell.angle_beta   98.10
_cell.angle_gamma   90.00
#
_symmetry.space_group_name_H-M   'C 1 2 1'
#
loop_
_entity.id
_entity.type
_entity.pdbx_description
1 polymer 'Putative phospholipase B-like 2 28 kDa form'
2 polymer 'Putative phospholipase B-like 2 40 kDa form'
3 branched 2-acetamido-2-deoxy-beta-D-glucopyranose-(1-4)-2-acetamido-2-deoxy-beta-D-glucopyranose
4 non-polymer 2-acetamido-2-deoxy-beta-D-glucopyranose
5 non-polymer 'ACETATE ION'
6 non-polymer GLYCEROL
7 non-polymer 'TETRAETHYLENE GLYCOL'
8 non-polymer 'SODIUM ION'
9 non-polymer 2-(2-(2-(2-(2-(2-ETHOXYETHOXY)ETHOXY)ETHOXY)ETHOXY)ETHOXY)ETHANOL
10 water water
#
loop_
_entity_poly.entity_id
_entity_poly.type
_entity_poly.pdbx_seq_one_letter_code
_entity_poly.pdbx_strand_id
1 'polypeptide(L)'
;LPTLGPGWQRQNPDPPVSRTRSLLLDAASGQLRLEDGFHPDAVAWANLTNAIRETGWAYLDLSTNGRYNDSLQAYAAGVV
EASVSEELIYMHWMNTVVNYCGPFEYEVGYCEKLKNFLEANLEWMQREMELNPDSPYWHQVRLTLLQLKGLEDSYEGRLT
FPTGRFTIKPLGFLLLQISGDLEDLEPALNKTNTKPSLGSGS
;
A
2 'polypeptide(L)'
;(OCS)SALIKLLPGGHDLLVAHNTWNSYQNMLRIIKKYRLQFREGPQEEYPLVAGNNLVFSSYPGTIFSGDDFYILGSGL
VTLETTIGNKNPALWKYVQPQGCVLEWIRNVVANRLALDGATWADVFKRFNSGTYNNQWMIVDYKAFLPNGPSPGSRVLT
ILEQIPGMVVVADKTAELYKTTYWASYNIPYFETVFNASGLQALVAQYGDWFSYTKNPRAKIFQRDQSLVEDMDAMVRLM
RYNDFLHDPLSLCEACNPKPNAENAISARSDLNPANGSYPFQALHQRAHGGIDVKVTSFTLAKYMSMLAASGPTWDQCPP
FQWSKSPFHSMLHMGQPDLWMFSPIRVPWDGRGSHHHHHHG
;
B
#
loop_
_chem_comp.id
_chem_comp.type
_chem_comp.name
_chem_comp.formula
7PE non-polymer 2-(2-(2-(2-(2-(2-ETHOXYETHOXY)ETHOXY)ETHOXY)ETHOXY)ETHOXY)ETHANOL 'C14 H30 O7'
ACT non-polymer 'ACETATE ION' 'C2 H3 O2 -1'
GOL non-polymer GLYCEROL 'C3 H8 O3'
NA non-polymer 'SODIUM ION' 'Na 1'
NAG D-saccharide, beta linking 2-acetamido-2-deoxy-beta-D-glucopyranose 'C8 H15 N O6'
PG4 non-polymer 'TETRAETHYLENE GLYCOL' 'C8 H18 O5'
#
# COMPACT_ATOMS: atom_id res chain seq x y z
N ASP A 14 23.25 5.93 3.19
CA ASP A 14 23.54 7.36 2.83
C ASP A 14 23.39 7.62 1.31
N PRO A 15 22.13 7.66 0.81
CA PRO A 15 21.87 7.69 -0.65
C PRO A 15 22.30 8.97 -1.38
N PRO A 16 22.81 8.82 -2.62
CA PRO A 16 23.15 9.98 -3.46
C PRO A 16 21.87 10.63 -3.99
N VAL A 17 21.95 11.89 -4.40
CA VAL A 17 20.82 12.62 -4.96
C VAL A 17 20.18 11.77 -6.05
N SER A 18 21.02 11.32 -6.99
CA SER A 18 20.57 10.54 -8.13
C SER A 18 21.48 9.34 -8.35
N ARG A 19 20.87 8.18 -8.61
CA ARG A 19 21.61 7.01 -9.03
C ARG A 19 20.84 6.28 -10.11
N THR A 20 21.54 5.93 -11.17
CA THR A 20 20.96 5.19 -12.28
C THR A 20 21.76 3.93 -12.55
N ARG A 21 21.05 2.81 -12.62
CA ARG A 21 21.65 1.51 -12.92
C ARG A 21 20.83 0.81 -13.96
N SER A 22 21.51 0.00 -14.76
CA SER A 22 20.87 -0.85 -15.76
C SER A 22 21.37 -2.26 -15.56
N LEU A 23 20.56 -3.23 -15.96
CA LEU A 23 20.94 -4.63 -15.92
C LEU A 23 20.91 -5.11 -17.34
N LEU A 24 22.09 -5.42 -17.85
CA LEU A 24 22.26 -5.90 -19.20
C LEU A 24 22.34 -7.41 -19.17
N LEU A 25 21.76 -8.03 -20.20
CA LEU A 25 22.04 -9.43 -20.49
C LEU A 25 23.18 -9.44 -21.51
N ASP A 26 24.25 -10.13 -21.19
CA ASP A 26 25.37 -10.15 -22.11
C ASP A 26 25.12 -11.14 -23.24
N ALA A 27 25.22 -10.62 -24.46
CA ALA A 27 25.12 -11.41 -25.69
C ALA A 27 25.85 -12.75 -25.56
N ALA A 28 27.13 -12.68 -25.17
CA ALA A 28 27.97 -13.88 -25.07
C ALA A 28 27.74 -14.68 -23.78
N SER A 29 27.95 -14.04 -22.62
CA SER A 29 28.06 -14.74 -21.31
C SER A 29 27.17 -15.96 -21.01
N GLY A 30 25.86 -15.97 -21.33
CA GLY A 30 25.00 -14.81 -21.44
C GLY A 30 24.52 -14.58 -20.02
N GLN A 31 25.22 -13.66 -19.35
CA GLN A 31 25.00 -13.36 -17.94
C GLN A 31 24.53 -11.94 -17.77
N LEU A 32 23.75 -11.76 -16.70
CA LEU A 32 23.25 -10.46 -16.33
C LEU A 32 24.37 -9.75 -15.60
N ARG A 33 24.54 -8.46 -15.89
CA ARG A 33 25.48 -7.62 -15.15
C ARG A 33 24.94 -6.20 -15.03
N LEU A 34 25.11 -5.63 -13.85
CA LEU A 34 24.72 -4.25 -13.63
C LEU A 34 25.76 -3.31 -14.17
N GLU A 35 25.28 -2.25 -14.80
CA GLU A 35 26.11 -1.15 -15.24
C GLU A 35 25.57 0.15 -14.67
N ASP A 36 26.45 1.12 -14.43
CA ASP A 36 26.02 2.44 -14.04
C ASP A 36 25.45 3.17 -15.22
N GLY A 37 24.47 4.02 -14.94
CA GLY A 37 23.93 4.87 -15.95
C GLY A 37 22.76 4.30 -16.72
N PHE A 38 22.39 5.05 -17.74
CA PHE A 38 21.23 4.72 -18.54
C PHE A 38 21.64 3.90 -19.77
N HIS A 39 21.05 2.72 -19.90
CA HIS A 39 21.29 1.87 -21.04
C HIS A 39 19.96 1.26 -21.45
N PRO A 40 19.33 1.82 -22.49
CA PRO A 40 17.96 1.39 -22.83
C PRO A 40 17.97 0.07 -23.61
N ASP A 41 19.16 -0.38 -23.98
CA ASP A 41 19.42 -1.73 -24.48
C ASP A 41 19.35 -2.79 -23.38
N ALA A 42 19.42 -2.36 -22.13
CA ALA A 42 19.41 -3.26 -20.98
C ALA A 42 18.04 -3.91 -20.79
N VAL A 43 17.97 -4.99 -20.02
CA VAL A 43 16.69 -5.62 -19.66
C VAL A 43 15.83 -4.66 -18.82
N ALA A 44 16.48 -3.92 -17.94
CA ALA A 44 15.81 -2.92 -17.13
C ALA A 44 16.80 -1.87 -16.70
N TRP A 45 16.26 -0.70 -16.36
CA TRP A 45 17.03 0.39 -15.79
C TRP A 45 16.21 1.13 -14.73
N ALA A 46 16.88 1.64 -13.72
CA ALA A 46 16.19 2.37 -12.67
C ALA A 46 16.96 3.60 -12.29
N ASN A 47 16.21 4.60 -11.87
CA ASN A 47 16.68 5.92 -11.57
C ASN A 47 16.06 6.24 -10.20
N LEU A 48 16.90 6.34 -9.17
CA LEU A 48 16.43 6.83 -7.89
C LEU A 48 16.92 8.25 -7.63
N THR A 49 15.98 9.18 -7.45
CA THR A 49 16.30 10.51 -6.98
C THR A 49 15.91 10.61 -5.51
N ASN A 50 16.89 10.80 -4.66
CA ASN A 50 16.63 10.98 -3.24
C ASN A 50 16.47 12.45 -2.84
N ALA A 51 15.24 12.83 -2.53
CA ALA A 51 14.90 14.18 -2.09
C ALA A 51 14.28 14.12 -0.71
N ILE A 52 14.62 13.09 0.05
CA ILE A 52 14.00 12.84 1.36
C ILE A 52 14.22 13.99 2.31
N ARG A 53 15.44 14.53 2.31
CA ARG A 53 15.84 15.65 3.16
C ARG A 53 15.05 16.92 2.87
N GLU A 54 14.68 17.08 1.59
CA GLU A 54 14.02 18.29 1.12
C GLU A 54 12.49 18.19 1.08
N THR A 55 11.98 16.99 0.80
CA THR A 55 10.55 16.76 0.53
C THR A 55 9.94 15.63 1.36
N GLY A 56 10.79 14.76 1.91
CA GLY A 56 10.32 13.59 2.64
C GLY A 56 10.01 12.43 1.71
N TRP A 57 10.45 12.55 0.46
CA TRP A 57 10.25 11.53 -0.54
C TRP A 57 11.54 11.28 -1.30
N ALA A 58 11.76 10.02 -1.67
CA ALA A 58 12.62 9.68 -2.79
C ALA A 58 11.68 9.32 -3.94
N TYR A 59 12.23 9.33 -5.15
CA TYR A 59 11.48 9.00 -6.33
CA TYR A 59 11.47 8.99 -6.34
C TYR A 59 12.25 7.96 -7.13
N LEU A 60 11.55 6.90 -7.50
CA LEU A 60 12.13 5.85 -8.30
C LEU A 60 11.39 5.80 -9.60
N ASP A 61 12.10 5.90 -10.72
CA ASP A 61 11.52 5.31 -11.87
C ASP A 61 12.35 4.24 -12.53
N LEU A 62 11.62 3.28 -13.06
CA LEU A 62 12.14 2.01 -13.44
C LEU A 62 11.42 1.58 -14.71
N SER A 63 12.20 1.14 -15.68
CA SER A 63 11.65 0.64 -16.93
C SER A 63 12.26 -0.72 -17.23
N THR A 64 11.42 -1.60 -17.76
CA THR A 64 11.91 -2.85 -18.32
C THR A 64 11.77 -2.85 -19.85
N ASN A 65 12.61 -3.65 -20.51
CA ASN A 65 12.67 -3.68 -21.96
C ASN A 65 11.83 -4.82 -22.54
N GLY A 66 10.79 -4.47 -23.31
CA GLY A 66 9.89 -5.46 -23.90
C GLY A 66 10.48 -6.33 -24.99
N ARG A 67 11.77 -6.13 -25.29
CA ARG A 67 12.39 -7.02 -26.26
CA ARG A 67 12.52 -6.95 -26.24
C ARG A 67 12.95 -8.28 -25.58
N TYR A 68 12.84 -8.32 -24.25
CA TYR A 68 13.11 -9.51 -23.47
C TYR A 68 11.78 -10.00 -22.96
N ASN A 69 11.71 -11.30 -22.66
CA ASN A 69 10.46 -11.81 -22.13
C ASN A 69 10.20 -11.25 -20.73
N ASP A 70 8.96 -11.34 -20.28
CA ASP A 70 8.55 -10.61 -19.08
C ASP A 70 9.07 -11.21 -17.80
N SER A 71 9.44 -12.49 -17.83
CA SER A 71 10.08 -13.13 -16.69
C SER A 71 11.42 -12.47 -16.40
N LEU A 72 12.21 -12.29 -17.45
CA LEU A 72 13.54 -11.72 -17.30
C LEU A 72 13.40 -10.27 -16.92
N GLN A 73 12.38 -9.62 -17.46
CA GLN A 73 12.05 -8.24 -17.15
C GLN A 73 11.69 -8.06 -15.69
N ALA A 74 10.83 -8.93 -15.15
CA ALA A 74 10.42 -8.87 -13.75
C ALA A 74 11.63 -9.02 -12.84
N TYR A 75 12.43 -10.06 -13.10
CA TYR A 75 13.62 -10.32 -12.33
C TYR A 75 14.54 -9.09 -12.34
N ALA A 76 14.78 -8.57 -13.53
CA ALA A 76 15.64 -7.41 -13.78
C ALA A 76 15.10 -6.14 -13.11
N ALA A 77 13.77 -6.00 -13.14
CA ALA A 77 13.08 -4.89 -12.45
C ALA A 77 13.42 -4.86 -10.96
N GLY A 78 13.40 -6.04 -10.32
CA GLY A 78 13.78 -6.16 -8.92
C GLY A 78 15.25 -5.88 -8.74
N VAL A 79 16.06 -6.41 -9.65
CA VAL A 79 17.50 -6.18 -9.58
C VAL A 79 17.82 -4.69 -9.63
N VAL A 80 17.28 -3.99 -10.62
CA VAL A 80 17.61 -2.56 -10.79
C VAL A 80 17.08 -1.70 -9.65
N GLU A 81 15.88 -1.98 -9.17
CA GLU A 81 15.39 -1.26 -8.00
C GLU A 81 16.32 -1.40 -6.80
N ALA A 82 16.69 -2.63 -6.48
CA ALA A 82 17.65 -2.91 -5.43
C ALA A 82 18.95 -2.13 -5.61
N SER A 83 19.51 -2.14 -6.81
CA SER A 83 20.81 -1.51 -7.01
C SER A 83 20.79 0.01 -6.85
N VAL A 84 19.67 0.68 -7.13
CA VAL A 84 19.64 2.14 -6.98
C VAL A 84 19.16 2.57 -5.59
N SER A 85 18.71 1.63 -4.77
CA SER A 85 18.11 1.94 -3.49
C SER A 85 18.67 1.14 -2.33
N GLU A 86 19.85 0.58 -2.50
CA GLU A 86 20.44 -0.29 -1.46
C GLU A 86 20.44 0.27 -0.05
N GLU A 87 20.93 1.51 0.10
CA GLU A 87 21.06 2.16 1.40
C GLU A 87 19.68 2.38 2.03
N LEU A 88 18.73 2.83 1.21
CA LEU A 88 17.34 3.01 1.63
C LEU A 88 16.72 1.69 2.06
N ILE A 89 17.00 0.62 1.31
CA ILE A 89 16.55 -0.70 1.72
C ILE A 89 17.11 -1.13 3.07
N TYR A 90 18.43 -0.98 3.23
CA TYR A 90 19.07 -1.35 4.46
C TYR A 90 18.43 -0.61 5.64
N MET A 91 18.31 0.71 5.51
CA MET A 91 17.78 1.55 6.57
C MET A 91 16.31 1.27 6.87
N HIS A 92 15.49 1.17 5.83
CA HIS A 92 14.10 0.74 6.01
C HIS A 92 14.00 -0.59 6.73
N TRP A 93 14.77 -1.60 6.31
CA TRP A 93 14.84 -2.89 6.98
C TRP A 93 15.17 -2.74 8.47
N MET A 94 16.19 -1.93 8.75
CA MET A 94 16.61 -1.67 10.12
C MET A 94 15.52 -0.97 10.92
N ASN A 95 14.88 0.04 10.32
CA ASN A 95 13.79 0.76 10.97
C ASN A 95 12.55 -0.05 11.29
N THR A 96 12.25 -1.00 10.42
CA THR A 96 10.96 -1.69 10.39
C THR A 96 11.05 -3.15 10.84
N VAL A 97 11.70 -4.02 10.09
CA VAL A 97 11.54 -5.47 10.33
C VAL A 97 12.77 -6.24 10.81
N VAL A 98 13.89 -5.56 10.99
CA VAL A 98 15.15 -6.23 11.39
C VAL A 98 14.95 -7.30 12.47
N ASN A 99 14.24 -6.97 13.54
CA ASN A 99 14.12 -7.89 14.67
C ASN A 99 13.00 -8.93 14.51
N TYR A 100 12.06 -8.67 13.60
CA TYR A 100 10.88 -9.54 13.43
C TYR A 100 11.25 -11.00 13.28
N CYS A 101 10.87 -11.82 14.27
CA CYS A 101 11.22 -13.24 14.28
C CYS A 101 12.72 -13.47 14.12
N GLY A 102 13.51 -12.66 14.81
CA GLY A 102 14.97 -12.70 14.68
C GLY A 102 15.56 -13.96 15.31
N PRO A 103 16.92 -14.00 15.42
CA PRO A 103 17.59 -15.16 16.05
C PRO A 103 17.16 -15.33 17.51
N PHE A 104 16.72 -14.24 18.15
CA PHE A 104 16.44 -14.24 19.58
C PHE A 104 14.97 -14.06 19.97
N GLU A 105 14.05 -14.35 19.04
CA GLU A 105 12.62 -14.21 19.32
C GLU A 105 12.11 -15.00 20.53
N TYR A 106 11.24 -14.37 21.31
CA TYR A 106 10.51 -15.07 22.35
C TYR A 106 9.43 -15.95 21.74
N GLU A 107 8.69 -15.39 20.80
CA GLU A 107 7.54 -16.03 20.18
C GLU A 107 7.99 -17.09 19.18
N VAL A 108 8.75 -18.08 19.65
CA VAL A 108 9.31 -19.12 18.77
C VAL A 108 8.17 -20.02 18.24
N GLY A 109 7.15 -20.21 19.07
CA GLY A 109 5.93 -20.86 18.64
C GLY A 109 5.32 -20.18 17.43
N TYR A 110 5.08 -18.87 17.54
CA TYR A 110 4.53 -18.07 16.44
C TYR A 110 5.45 -18.05 15.22
N CYS A 111 6.72 -17.73 15.45
CA CYS A 111 7.71 -17.59 14.39
C CYS A 111 7.94 -18.85 13.58
N GLU A 112 7.94 -19.99 14.26
CA GLU A 112 8.05 -21.29 13.60
C GLU A 112 6.79 -21.57 12.78
N LYS A 113 5.62 -21.24 13.33
CA LYS A 113 4.36 -21.38 12.59
C LYS A 113 4.33 -20.51 11.35
N LEU A 114 4.86 -19.30 11.50
CA LEU A 114 4.87 -18.31 10.43
C LEU A 114 5.82 -18.74 9.31
N LYS A 115 7.04 -19.16 9.69
CA LYS A 115 7.97 -19.76 8.74
C LYS A 115 7.38 -20.96 8.02
N ASN A 116 6.75 -21.87 8.75
CA ASN A 116 6.05 -23.00 8.13
C ASN A 116 4.99 -22.53 7.14
N PHE A 117 4.15 -21.59 7.58
CA PHE A 117 3.10 -21.03 6.75
C PHE A 117 3.67 -20.40 5.50
N LEU A 118 4.65 -19.50 5.65
CA LEU A 118 5.23 -18.81 4.52
C LEU A 118 5.91 -19.75 3.54
N GLU A 119 6.72 -20.67 4.03
CA GLU A 119 7.32 -21.70 3.18
C GLU A 119 6.34 -22.58 2.41
N ALA A 120 5.29 -23.03 3.09
CA ALA A 120 4.24 -23.82 2.46
C ALA A 120 3.52 -22.98 1.42
N ASN A 121 3.26 -21.71 1.74
CA ASN A 121 2.57 -20.80 0.84
C ASN A 121 3.37 -20.62 -0.44
N LEU A 122 4.66 -20.34 -0.26
CA LEU A 122 5.58 -20.11 -1.35
C LEU A 122 5.73 -21.35 -2.21
N GLU A 123 5.80 -22.51 -1.56
CA GLU A 123 5.91 -23.77 -2.25
C GLU A 123 4.62 -24.05 -3.04
N TRP A 124 3.47 -23.71 -2.45
CA TRP A 124 2.18 -23.90 -3.10
C TRP A 124 2.08 -23.09 -4.39
N MET A 125 2.55 -21.85 -4.37
CA MET A 125 2.55 -21.00 -5.55
C MET A 125 3.52 -21.52 -6.61
N GLN A 126 4.71 -21.93 -6.17
CA GLN A 126 5.70 -22.55 -7.07
C GLN A 126 5.07 -23.76 -7.73
N ARG A 127 4.47 -24.63 -6.93
CA ARG A 127 3.74 -25.78 -7.48
C ARG A 127 2.64 -25.41 -8.48
N GLU A 128 1.77 -24.46 -8.11
CA GLU A 128 0.74 -23.94 -9.04
C GLU A 128 1.31 -23.39 -10.34
N MET A 129 2.44 -22.69 -10.28
CA MET A 129 3.06 -22.15 -11.49
C MET A 129 3.50 -23.28 -12.40
N GLU A 130 4.21 -24.26 -11.85
CA GLU A 130 4.60 -25.48 -12.58
C GLU A 130 3.42 -26.25 -13.17
N LEU A 131 2.31 -26.32 -12.43
CA LEU A 131 1.13 -27.11 -12.84
C LEU A 131 0.28 -26.37 -13.85
N ASN A 132 0.57 -25.08 -13.99
CA ASN A 132 -0.24 -24.19 -14.79
C ASN A 132 0.65 -23.26 -15.59
N PRO A 133 1.49 -23.82 -16.50
CA PRO A 133 2.40 -22.95 -17.26
C PRO A 133 1.66 -22.02 -18.24
N ASP A 134 0.42 -22.35 -18.59
CA ASP A 134 -0.39 -21.54 -19.53
C ASP A 134 -1.27 -20.50 -18.84
N SER A 135 -1.31 -20.50 -17.51
CA SER A 135 -2.20 -19.61 -16.77
C SER A 135 -1.72 -18.16 -16.77
N PRO A 136 -2.55 -17.23 -17.28
CA PRO A 136 -2.31 -15.80 -17.09
C PRO A 136 -2.14 -15.41 -15.62
N TYR A 137 -3.08 -15.84 -14.78
CA TYR A 137 -3.02 -15.52 -13.35
C TYR A 137 -1.68 -15.88 -12.74
N TRP A 138 -1.31 -17.16 -12.86
CA TRP A 138 -0.11 -17.70 -12.26
C TRP A 138 1.12 -17.15 -12.91
N HIS A 139 0.99 -16.76 -14.17
CA HIS A 139 2.01 -16.04 -14.85
C HIS A 139 2.27 -14.70 -14.16
N GLN A 140 1.20 -13.96 -13.83
CA GLN A 140 1.32 -12.66 -13.17
C GLN A 140 1.90 -12.83 -11.78
N VAL A 141 1.51 -13.91 -11.11
CA VAL A 141 2.06 -14.23 -9.77
C VAL A 141 3.54 -14.46 -9.89
N ARG A 142 3.93 -15.19 -10.93
CA ARG A 142 5.34 -15.58 -11.15
C ARG A 142 6.20 -14.36 -11.40
N LEU A 143 5.69 -13.40 -12.17
CA LEU A 143 6.40 -12.16 -12.44
C LEU A 143 6.62 -11.36 -11.18
N THR A 144 5.61 -11.38 -10.31
CA THR A 144 5.65 -10.64 -9.04
C THR A 144 6.73 -11.25 -8.16
N LEU A 145 6.77 -12.59 -8.11
CA LEU A 145 7.78 -13.26 -7.30
C LEU A 145 9.19 -13.19 -7.89
N LEU A 146 9.30 -13.13 -9.21
CA LEU A 146 10.57 -12.94 -9.87
C LEU A 146 11.15 -11.59 -9.51
N GLN A 147 10.28 -10.57 -9.54
CA GLN A 147 10.68 -9.21 -9.18
C GLN A 147 11.20 -9.21 -7.75
N LEU A 148 10.46 -9.85 -6.84
CA LEU A 148 10.90 -10.01 -5.46
C LEU A 148 12.28 -10.71 -5.39
N LYS A 149 12.38 -11.84 -6.09
CA LYS A 149 13.61 -12.61 -6.16
C LYS A 149 14.79 -11.77 -6.67
N GLY A 150 14.58 -11.01 -7.74
CA GLY A 150 15.63 -10.18 -8.31
C GLY A 150 16.08 -9.08 -7.39
N LEU A 151 15.12 -8.48 -6.70
CA LEU A 151 15.37 -7.44 -5.69
C LEU A 151 16.27 -7.97 -4.57
N GLU A 152 15.97 -9.19 -4.09
CA GLU A 152 16.72 -9.78 -3.00
C GLU A 152 18.07 -10.22 -3.53
N ASP A 153 18.08 -10.96 -4.64
CA ASP A 153 19.33 -11.39 -5.26
C ASP A 153 20.28 -10.20 -5.44
N SER A 154 19.77 -9.09 -5.96
CA SER A 154 20.60 -7.94 -6.31
C SER A 154 21.19 -7.34 -5.05
N TYR A 155 20.34 -7.12 -4.05
CA TYR A 155 20.77 -6.56 -2.78
C TYR A 155 21.89 -7.40 -2.17
N GLU A 156 21.78 -8.72 -2.33
CA GLU A 156 22.78 -9.67 -1.87
C GLU A 156 24.03 -9.71 -2.72
N GLY A 157 23.97 -9.04 -3.87
CA GLY A 157 25.08 -8.98 -4.81
C GLY A 157 25.30 -10.21 -5.68
N ARG A 158 24.28 -11.03 -5.88
CA ARG A 158 24.45 -12.24 -6.67
C ARG A 158 23.23 -12.52 -7.54
N LEU A 159 23.40 -12.36 -8.85
CA LEU A 159 22.31 -12.48 -9.83
C LEU A 159 22.18 -13.91 -10.33
N THR A 160 21.06 -14.56 -10.02
CA THR A 160 20.71 -15.86 -10.60
C THR A 160 19.30 -15.82 -11.17
N PHE A 161 19.18 -15.68 -12.48
CA PHE A 161 17.87 -15.66 -13.07
C PHE A 161 17.28 -17.08 -13.12
N PRO A 162 16.15 -17.30 -12.44
CA PRO A 162 15.57 -18.64 -12.51
C PRO A 162 14.71 -18.83 -13.77
N THR A 163 14.93 -19.94 -14.47
CA THR A 163 14.13 -20.26 -15.66
C THR A 163 12.93 -21.14 -15.29
N GLY A 164 13.05 -21.84 -14.17
CA GLY A 164 11.95 -22.62 -13.62
C GLY A 164 11.56 -22.15 -12.24
N ARG A 165 11.41 -23.10 -11.32
CA ARG A 165 11.01 -22.79 -9.97
C ARG A 165 12.19 -22.22 -9.14
N PHE A 166 11.85 -21.39 -8.18
CA PHE A 166 12.83 -20.71 -7.37
C PHE A 166 12.30 -20.62 -5.96
N THR A 167 13.20 -20.39 -5.02
CA THR A 167 12.85 -20.34 -3.63
C THR A 167 12.96 -18.91 -3.18
N ILE A 168 11.90 -18.41 -2.55
CA ILE A 168 11.91 -17.13 -1.90
C ILE A 168 12.14 -17.41 -0.43
N LYS A 169 13.11 -16.71 0.17
CA LYS A 169 13.30 -16.75 1.62
C LYS A 169 12.07 -16.22 2.32
N PRO A 170 11.51 -16.98 3.26
CA PRO A 170 10.28 -16.52 3.91
C PRO A 170 10.49 -15.22 4.66
N LEU A 171 11.66 -15.04 5.26
CA LEU A 171 11.93 -13.90 6.11
C LEU A 171 13.06 -13.05 5.55
N GLY A 172 13.19 -13.08 4.23
CA GLY A 172 14.04 -12.11 3.54
C GLY A 172 13.20 -10.92 3.13
N PHE A 173 13.40 -10.44 1.90
CA PHE A 173 12.70 -9.26 1.40
C PHE A 173 11.18 -9.47 1.28
N LEU A 174 10.76 -10.74 1.30
CA LEU A 174 9.36 -11.06 1.46
C LEU A 174 8.77 -10.30 2.66
N LEU A 175 9.54 -10.22 3.73
CA LEU A 175 9.12 -9.50 4.95
C LEU A 175 8.72 -8.04 4.68
N LEU A 176 9.35 -7.38 3.71
CA LEU A 176 8.99 -6.00 3.41
C LEU A 176 7.66 -5.93 2.65
N GLN A 177 7.26 -7.04 2.03
CA GLN A 177 6.04 -7.04 1.25
C GLN A 177 4.81 -7.39 2.07
N ILE A 178 5.01 -8.13 3.16
CA ILE A 178 3.92 -8.78 3.87
C ILE A 178 3.53 -8.12 5.17
N SER A 179 4.01 -6.89 5.39
CA SER A 179 3.68 -6.15 6.61
C SER A 179 2.19 -6.01 6.89
N GLY A 180 1.41 -5.73 5.84
CA GLY A 180 -0.03 -5.63 5.99
C GLY A 180 -0.65 -7.01 6.14
N ASP A 181 -0.10 -7.99 5.44
CA ASP A 181 -0.53 -9.38 5.57
C ASP A 181 -0.34 -9.93 6.99
N LEU A 182 0.77 -9.52 7.61
CA LEU A 182 1.15 -9.99 8.93
C LEU A 182 0.18 -9.53 10.01
N GLU A 183 -0.44 -8.38 9.82
CA GLU A 183 -1.42 -7.86 10.75
C GLU A 183 -2.50 -8.92 11.01
N ASP A 184 -2.75 -9.78 10.01
CA ASP A 184 -3.77 -10.82 10.10
C ASP A 184 -3.16 -12.22 10.27
N LEU A 185 -1.98 -12.43 9.69
CA LEU A 185 -1.20 -13.65 9.90
C LEU A 185 -0.89 -13.82 11.37
N GLU A 186 -0.45 -12.75 12.01
CA GLU A 186 -0.17 -12.78 13.44
C GLU A 186 -1.31 -13.40 14.29
N PRO A 187 -2.50 -12.76 14.35
CA PRO A 187 -3.59 -13.39 15.09
C PRO A 187 -4.03 -14.76 14.54
N ALA A 188 -3.99 -14.95 13.22
CA ALA A 188 -4.40 -16.23 12.61
C ALA A 188 -3.49 -17.38 13.02
N LEU A 189 -2.26 -17.05 13.37
CA LEU A 189 -1.27 -18.04 13.77
C LEU A 189 -1.06 -18.02 15.28
N ASN A 190 -2.06 -17.46 15.97
CA ASN A 190 -2.15 -17.40 17.43
C ASN A 190 -0.97 -16.71 18.12
N LYS A 191 -0.50 -15.62 17.54
CA LYS A 191 0.46 -14.78 18.22
C LYS A 191 -0.24 -13.94 19.31
N THR A 192 0.33 -13.91 20.50
CA THR A 192 -0.14 -13.03 21.58
C THR A 192 0.60 -11.69 21.52
N ASN A 193 -0.13 -10.55 21.52
CA ASN A 193 -1.56 -10.38 21.86
C ASN A 193 -2.57 -11.38 21.30
N OCS B 1 -5.28 4.35 8.04
CA OCS B 1 -5.29 5.22 6.82
CB OCS B 1 -4.97 4.41 5.59
SG OCS B 1 -4.15 2.89 6.00
C OCS B 1 -6.66 5.80 6.62
O OCS B 1 -7.66 5.16 6.92
OD1 OCS B 1 -4.86 1.83 5.40
OD2 OCS B 1 -2.80 2.96 5.51
OD3 OCS B 1 -4.17 2.68 7.42
N SER B 2 -6.68 7.02 6.07
CA SER B 2 -7.90 7.61 5.57
C SER B 2 -7.86 7.75 4.06
N ALA B 3 -9.01 7.59 3.41
CA ALA B 3 -9.15 7.89 2.00
C ALA B 3 -10.41 8.72 1.82
N LEU B 4 -10.35 9.57 0.81
CA LEU B 4 -11.53 10.28 0.34
C LEU B 4 -11.49 10.36 -1.18
N ILE B 5 -12.64 9.99 -1.77
CA ILE B 5 -12.91 10.15 -3.17
C ILE B 5 -13.99 11.23 -3.23
N LYS B 6 -13.64 12.38 -3.80
CA LYS B 6 -14.54 13.51 -3.81
C LYS B 6 -14.95 13.91 -5.23
N LEU B 7 -16.24 13.87 -5.49
CA LEU B 7 -16.81 14.46 -6.70
C LEU B 7 -16.94 15.96 -6.51
N LEU B 8 -16.19 16.77 -7.26
CA LEU B 8 -16.32 18.22 -7.10
C LEU B 8 -17.73 18.70 -7.52
N PRO B 9 -18.16 19.87 -7.03
CA PRO B 9 -19.44 20.41 -7.44
C PRO B 9 -19.53 20.45 -8.96
N GLY B 10 -20.71 20.13 -9.49
CA GLY B 10 -20.96 20.13 -10.92
C GLY B 10 -20.22 19.02 -11.63
N GLY B 11 -19.74 18.04 -10.84
CA GLY B 11 -18.93 16.94 -11.36
C GLY B 11 -17.71 17.43 -12.09
N HIS B 12 -17.18 18.59 -11.70
CA HIS B 12 -16.06 19.28 -12.39
C HIS B 12 -14.79 18.45 -12.42
N ASP B 13 -14.63 17.63 -11.39
CA ASP B 13 -13.48 16.77 -11.29
C ASP B 13 -13.83 15.69 -10.28
N LEU B 14 -12.96 14.69 -10.20
CA LEU B 14 -13.08 13.58 -9.28
C LEU B 14 -11.72 13.44 -8.62
N LEU B 15 -11.66 13.76 -7.33
CA LEU B 15 -10.40 13.82 -6.64
C LEU B 15 -10.33 12.56 -5.82
N VAL B 16 -9.14 11.97 -5.71
CA VAL B 16 -8.96 10.71 -5.04
C VAL B 16 -7.76 10.88 -4.16
N ALA B 17 -7.92 10.65 -2.87
CA ALA B 17 -6.83 10.89 -1.95
C ALA B 17 -6.76 9.82 -0.91
N HIS B 18 -5.55 9.58 -0.46
CA HIS B 18 -5.32 8.58 0.53
C HIS B 18 -4.27 9.11 1.46
N ASN B 19 -4.46 8.86 2.74
CA ASN B 19 -3.51 9.25 3.74
C ASN B 19 -3.15 8.01 4.56
N THR B 20 -1.92 7.50 4.37
CA THR B 20 -1.41 6.31 5.08
C THR B 20 -1.28 6.60 6.57
N TRP B 21 -1.87 5.75 7.39
CA TRP B 21 -1.51 5.73 8.78
C TRP B 21 -0.52 4.60 9.00
N ASN B 22 0.57 4.91 9.65
CA ASN B 22 1.60 3.95 9.80
C ASN B 22 2.41 4.29 11.00
N SER B 23 3.23 3.33 11.41
CA SER B 23 4.26 3.60 12.36
C SER B 23 5.22 4.65 11.79
N TYR B 24 5.64 5.60 12.63
CA TYR B 24 6.53 6.65 12.15
C TYR B 24 7.86 6.11 11.70
N GLN B 25 8.26 4.96 12.22
CA GLN B 25 9.53 4.35 11.79
C GLN B 25 9.52 3.89 10.35
N ASN B 26 8.34 3.89 9.72
CA ASN B 26 8.20 3.48 8.33
C ASN B 26 8.39 4.60 7.35
N MET B 27 8.73 5.78 7.84
CA MET B 27 8.75 6.98 7.03
C MET B 27 9.98 7.21 6.15
N LEU B 28 10.59 6.14 5.65
CA LEU B 28 11.45 6.24 4.47
C LEU B 28 10.56 5.91 3.30
N ARG B 29 10.40 6.88 2.42
CA ARG B 29 9.34 6.84 1.42
C ARG B 29 9.91 6.92 0.04
N ILE B 30 9.35 6.11 -0.85
CA ILE B 30 9.66 6.24 -2.26
C ILE B 30 8.36 6.26 -3.06
N ILE B 31 8.20 7.28 -3.88
CA ILE B 31 7.18 7.28 -4.92
C ILE B 31 7.79 6.65 -6.15
N LYS B 32 7.14 5.60 -6.62
CA LYS B 32 7.69 4.74 -7.64
C LYS B 32 6.88 4.81 -8.92
N LYS B 33 7.57 4.99 -10.03
CA LYS B 33 6.98 4.83 -11.34
C LYS B 33 7.59 3.56 -11.96
N TYR B 34 6.76 2.57 -12.24
CA TYR B 34 7.21 1.38 -12.97
C TYR B 34 6.71 1.49 -14.40
N ARG B 35 7.59 1.29 -15.36
CA ARG B 35 7.17 1.19 -16.76
C ARG B 35 7.62 -0.16 -17.26
N LEU B 36 6.69 -1.11 -17.20
CA LEU B 36 6.97 -2.50 -17.49
C LEU B 36 6.46 -2.85 -18.87
N GLN B 37 6.78 -4.05 -19.32
CA GLN B 37 6.28 -4.58 -20.58
C GLN B 37 5.85 -6.04 -20.39
N PHE B 38 5.02 -6.27 -19.37
CA PHE B 38 4.52 -7.60 -19.08
C PHE B 38 3.33 -7.92 -19.96
N ARG B 39 3.18 -9.21 -20.22
CA ARG B 39 2.08 -9.72 -21.00
C ARG B 39 1.17 -10.52 -20.10
N GLU B 40 -0.06 -10.71 -20.55
CA GLU B 40 -1.09 -11.30 -19.72
C GLU B 40 -0.77 -12.76 -19.44
N GLY B 41 -0.12 -13.40 -20.41
CA GLY B 41 0.17 -14.80 -20.31
C GLY B 41 1.60 -15.12 -20.67
N PRO B 42 1.99 -16.38 -20.43
CA PRO B 42 3.38 -16.87 -20.56
C PRO B 42 3.89 -16.95 -21.99
N GLN B 43 3.16 -16.37 -22.94
CA GLN B 43 3.53 -16.46 -24.35
C GLN B 43 3.55 -15.05 -25.00
N GLU B 44 4.45 -14.84 -25.95
CA GLU B 44 4.62 -13.53 -26.59
C GLU B 44 3.41 -13.05 -27.41
N GLU B 45 2.48 -13.97 -27.71
CA GLU B 45 1.23 -13.70 -28.44
C GLU B 45 0.21 -13.05 -27.54
N TYR B 46 0.44 -13.19 -26.23
CA TYR B 46 -0.40 -12.53 -25.25
C TYR B 46 -0.23 -11.01 -25.32
N PRO B 47 -1.34 -10.28 -25.18
CA PRO B 47 -1.28 -8.83 -25.16
C PRO B 47 -0.48 -8.33 -23.96
N LEU B 48 0.09 -7.14 -24.12
CA LEU B 48 0.62 -6.39 -23.02
C LEU B 48 -0.48 -6.22 -21.97
N VAL B 49 -0.15 -6.36 -20.70
CA VAL B 49 -1.12 -6.13 -19.64
C VAL B 49 -1.65 -4.70 -19.65
N ALA B 50 -2.87 -4.52 -19.15
CA ALA B 50 -3.49 -3.20 -19.01
C ALA B 50 -2.72 -2.27 -18.06
N GLY B 51 -2.06 -2.85 -17.05
CA GLY B 51 -1.39 -2.09 -15.98
C GLY B 51 0.13 -2.15 -16.00
N ASN B 52 0.71 -1.96 -17.17
CA ASN B 52 2.17 -1.91 -17.33
C ASN B 52 2.81 -0.62 -16.80
N ASN B 53 2.07 0.48 -16.82
CA ASN B 53 2.51 1.74 -16.23
C ASN B 53 1.80 1.99 -14.92
N LEU B 54 2.57 2.36 -13.90
CA LEU B 54 1.98 2.59 -12.59
C LEU B 54 2.89 3.48 -11.79
N VAL B 55 2.27 4.44 -11.11
CA VAL B 55 2.91 5.30 -10.12
C VAL B 55 2.21 5.00 -8.81
N PHE B 56 2.98 4.87 -7.75
CA PHE B 56 2.41 4.55 -6.45
C PHE B 56 3.32 5.03 -5.33
N SER B 57 2.70 5.36 -4.20
CA SER B 57 3.46 5.69 -3.01
C SER B 57 3.95 4.40 -2.34
N SER B 58 5.22 4.37 -1.93
CA SER B 58 5.85 3.15 -1.53
C SER B 58 6.98 3.39 -0.54
N TYR B 59 7.83 2.37 -0.41
CA TYR B 59 8.89 2.28 0.58
C TYR B 59 10.04 1.52 -0.02
N PRO B 60 11.24 1.68 0.54
CA PRO B 60 12.38 0.91 0.06
C PRO B 60 12.14 -0.59 0.07
N GLY B 61 12.52 -1.27 -1.01
CA GLY B 61 12.46 -2.74 -1.07
C GLY B 61 11.06 -3.33 -1.09
N THR B 62 10.07 -2.45 -1.30
CA THR B 62 8.66 -2.79 -1.25
C THR B 62 8.14 -2.64 -2.69
N ILE B 63 7.90 -3.77 -3.32
CA ILE B 63 7.61 -3.82 -4.74
C ILE B 63 6.11 -3.74 -5.00
N PHE B 64 5.44 -3.02 -4.10
CA PHE B 64 4.04 -2.61 -4.26
C PHE B 64 3.88 -1.40 -3.33
N SER B 65 2.69 -0.82 -3.22
CA SER B 65 2.52 0.36 -2.39
C SER B 65 2.58 0.09 -0.90
N GLY B 66 1.66 -0.72 -0.40
CA GLY B 66 1.57 -0.96 1.01
C GLY B 66 0.64 0.02 1.68
N ASP B 67 0.39 1.16 1.03
CA ASP B 67 -0.44 2.23 1.58
C ASP B 67 -1.94 1.96 1.68
N ASP B 68 -2.63 1.60 0.59
CA ASP B 68 -2.13 1.57 -0.77
C ASP B 68 -2.72 2.70 -1.57
N PHE B 69 -1.96 3.17 -2.55
CA PHE B 69 -2.41 4.17 -3.47
C PHE B 69 -1.61 4.01 -4.78
N TYR B 70 -2.31 3.72 -5.87
CA TYR B 70 -1.70 3.49 -7.19
C TYR B 70 -2.49 4.25 -8.24
N ILE B 71 -1.77 4.77 -9.23
CA ILE B 71 -2.39 5.36 -10.41
C ILE B 71 -1.86 4.49 -11.51
N LEU B 72 -2.78 3.86 -12.24
CA LEU B 72 -2.38 2.88 -13.25
C LEU B 72 -2.60 3.46 -14.63
N GLY B 73 -1.74 3.09 -15.58
CA GLY B 73 -1.90 3.58 -16.97
C GLY B 73 -3.18 3.09 -17.65
N SER B 74 -3.91 2.18 -16.99
CA SER B 74 -5.20 1.71 -17.49
C SER B 74 -6.32 2.68 -17.11
N GLY B 75 -5.97 3.79 -16.49
CA GLY B 75 -6.92 4.78 -16.11
C GLY B 75 -7.56 4.52 -14.77
N LEU B 76 -7.12 3.46 -14.08
CA LEU B 76 -7.66 3.09 -12.79
C LEU B 76 -6.77 3.72 -11.72
N VAL B 77 -7.40 4.06 -10.61
CA VAL B 77 -6.70 4.47 -9.40
C VAL B 77 -7.17 3.50 -8.30
N THR B 78 -6.21 2.80 -7.71
CA THR B 78 -6.57 1.85 -6.67
C THR B 78 -5.99 2.29 -5.33
N LEU B 79 -6.81 2.20 -4.29
CA LEU B 79 -6.39 2.61 -2.97
C LEU B 79 -7.16 1.81 -1.95
N GLU B 80 -6.62 1.73 -0.75
CA GLU B 80 -7.34 1.05 0.32
C GLU B 80 -7.16 1.68 1.69
N THR B 81 -8.09 1.38 2.60
CA THR B 81 -7.86 1.48 4.03
C THR B 81 -8.19 0.11 4.64
N THR B 82 -7.55 -0.20 5.76
CA THR B 82 -7.52 -1.54 6.30
C THR B 82 -8.66 -1.77 7.28
N ILE B 83 -9.37 -2.88 7.09
CA ILE B 83 -10.47 -3.21 7.96
C ILE B 83 -10.10 -4.28 9.01
N GLY B 84 -9.19 -5.17 8.65
CA GLY B 84 -8.83 -6.25 9.53
C GLY B 84 -9.98 -7.21 9.79
N ASN B 85 -9.86 -7.94 10.89
CA ASN B 85 -10.84 -8.92 11.28
C ASN B 85 -10.75 -9.12 12.78
N LYS B 86 -11.87 -9.10 13.47
CA LYS B 86 -11.89 -9.32 14.91
C LYS B 86 -12.67 -10.58 15.28
N ASN B 87 -13.01 -11.38 14.29
CA ASN B 87 -13.72 -12.62 14.49
C ASN B 87 -12.76 -13.82 14.32
N PRO B 88 -12.32 -14.41 15.46
CA PRO B 88 -11.34 -15.52 15.50
C PRO B 88 -11.81 -16.75 14.78
N ALA B 89 -13.12 -16.89 14.62
CA ALA B 89 -13.66 -18.03 13.89
C ALA B 89 -13.39 -17.94 12.37
N LEU B 90 -12.85 -16.82 11.89
CA LEU B 90 -12.59 -16.66 10.45
C LEU B 90 -11.16 -17.00 10.11
N TRP B 91 -10.31 -17.12 11.13
CA TRP B 91 -8.89 -17.35 10.88
C TRP B 91 -8.63 -18.68 10.20
N LYS B 92 -9.56 -19.62 10.31
CA LYS B 92 -9.41 -20.94 9.70
C LYS B 92 -9.42 -20.81 8.18
N TYR B 93 -9.76 -19.60 7.72
CA TYR B 93 -9.76 -19.30 6.29
C TYR B 93 -8.41 -18.79 5.79
N VAL B 94 -7.50 -18.55 6.74
CA VAL B 94 -6.12 -18.23 6.45
C VAL B 94 -5.33 -19.55 6.39
N GLN B 95 -4.95 -19.92 5.18
CA GLN B 95 -4.30 -21.18 4.88
C GLN B 95 -3.08 -20.97 3.98
N PRO B 96 -2.02 -21.79 4.14
CA PRO B 96 -0.89 -21.61 3.24
C PRO B 96 -1.16 -22.05 1.81
N GLN B 97 -2.05 -23.03 1.65
CA GLN B 97 -2.44 -23.49 0.32
C GLN B 97 -3.79 -22.91 -0.01
N GLY B 98 -3.92 -22.41 -1.23
CA GLY B 98 -5.18 -21.86 -1.72
C GLY B 98 -5.35 -20.38 -1.43
N CYS B 99 -4.30 -19.77 -0.89
CA CYS B 99 -4.35 -18.36 -0.49
C CYS B 99 -3.14 -17.68 -1.05
N VAL B 100 -3.35 -16.63 -1.82
CA VAL B 100 -2.25 -15.85 -2.33
C VAL B 100 -2.23 -14.63 -1.42
N LEU B 101 -1.05 -14.25 -0.93
CA LEU B 101 -0.99 -13.12 0.01
C LEU B 101 -1.50 -11.84 -0.64
N GLU B 102 -2.09 -10.98 0.18
CA GLU B 102 -2.75 -9.80 -0.34
C GLU B 102 -1.85 -8.97 -1.27
N TRP B 103 -0.60 -8.72 -0.87
CA TRP B 103 0.27 -7.85 -1.64
C TRP B 103 0.42 -8.28 -3.10
N ILE B 104 0.56 -9.59 -3.34
CA ILE B 104 0.63 -10.19 -4.69
C ILE B 104 -0.71 -10.05 -5.40
N ARG B 105 -1.81 -10.37 -4.71
CA ARG B 105 -3.14 -10.26 -5.31
C ARG B 105 -3.38 -8.83 -5.83
N ASN B 106 -2.92 -7.87 -5.02
CA ASN B 106 -2.97 -6.46 -5.31
C ASN B 106 -2.16 -6.13 -6.57
N VAL B 107 -0.92 -6.58 -6.62
CA VAL B 107 -0.07 -6.31 -7.76
C VAL B 107 -0.67 -6.91 -9.05
N VAL B 108 -1.06 -8.19 -8.95
CA VAL B 108 -1.68 -8.91 -10.06
C VAL B 108 -2.95 -8.21 -10.56
N ALA B 109 -3.93 -7.93 -9.67
CA ALA B 109 -5.12 -7.16 -10.05
C ALA B 109 -4.76 -5.83 -10.71
N ASN B 110 -3.79 -5.10 -10.14
CA ASN B 110 -3.35 -3.81 -10.71
C ASN B 110 -2.84 -3.93 -12.14
N ARG B 111 -2.26 -5.08 -12.45
CA ARG B 111 -1.62 -5.33 -13.71
C ARG B 111 -2.63 -5.76 -14.77
N LEU B 112 -3.56 -6.65 -14.40
CA LEU B 112 -4.49 -7.26 -15.35
C LEU B 112 -5.74 -6.45 -15.63
N ALA B 113 -6.19 -5.68 -14.64
CA ALA B 113 -7.47 -4.96 -14.73
C ALA B 113 -7.50 -3.80 -15.71
N LEU B 114 -8.58 -3.70 -16.48
CA LEU B 114 -8.83 -2.51 -17.29
C LEU B 114 -10.00 -1.74 -16.69
N ASP B 115 -10.70 -2.37 -15.78
CA ASP B 115 -11.83 -1.73 -15.13
C ASP B 115 -11.98 -2.26 -13.69
N GLY B 116 -12.86 -1.63 -12.92
CA GLY B 116 -13.08 -1.99 -11.52
C GLY B 116 -13.61 -3.39 -11.31
N ALA B 117 -14.47 -3.84 -12.21
CA ALA B 117 -15.06 -5.17 -12.08
C ALA B 117 -13.99 -6.23 -12.21
N THR B 118 -13.13 -6.09 -13.22
CA THR B 118 -12.09 -7.08 -13.42
C THR B 118 -11.04 -7.00 -12.32
N TRP B 119 -10.78 -5.80 -11.79
CA TRP B 119 -9.84 -5.66 -10.68
C TRP B 119 -10.32 -6.45 -9.49
N ALA B 120 -11.57 -6.19 -9.09
CA ALA B 120 -12.23 -6.97 -8.05
C ALA B 120 -12.21 -8.49 -8.37
N ASP B 121 -12.46 -8.85 -9.62
CA ASP B 121 -12.53 -10.26 -10.00
C ASP B 121 -11.19 -10.96 -9.86
N VAL B 122 -10.12 -10.29 -10.30
CA VAL B 122 -8.76 -10.79 -10.17
C VAL B 122 -8.30 -10.84 -8.71
N PHE B 123 -8.49 -9.73 -8.00
CA PHE B 123 -7.98 -9.59 -6.63
C PHE B 123 -8.53 -10.59 -5.62
N LYS B 124 -9.81 -10.91 -5.76
CA LYS B 124 -10.52 -11.72 -4.80
C LYS B 124 -10.20 -13.19 -4.90
N ARG B 125 -9.51 -13.59 -5.98
CA ARG B 125 -9.15 -14.98 -6.15
C ARG B 125 -8.07 -15.33 -5.13
N PHE B 126 -8.16 -16.54 -4.59
CA PHE B 126 -7.27 -17.03 -3.52
C PHE B 126 -7.21 -16.06 -2.37
N ASN B 127 -8.36 -15.57 -1.96
CA ASN B 127 -8.45 -14.65 -0.82
C ASN B 127 -7.73 -15.29 0.37
N SER B 128 -6.68 -14.61 0.83
CA SER B 128 -5.87 -15.08 1.94
C SER B 128 -6.46 -14.74 3.30
N GLY B 129 -7.42 -13.81 3.35
CA GLY B 129 -7.90 -13.31 4.62
C GLY B 129 -6.86 -12.50 5.37
N THR B 130 -5.87 -11.99 4.65
CA THR B 130 -4.79 -11.27 5.29
C THR B 130 -4.65 -9.95 4.56
N TYR B 131 -4.19 -8.93 5.29
CA TYR B 131 -4.27 -7.54 4.84
C TYR B 131 -5.71 -7.29 4.37
N ASN B 132 -6.64 -7.48 5.31
CA ASN B 132 -8.05 -7.32 5.04
C ASN B 132 -8.42 -5.83 4.92
N ASN B 133 -8.69 -5.41 3.68
CA ASN B 133 -8.86 -4.01 3.36
C ASN B 133 -10.22 -3.74 2.74
N GLN B 134 -10.61 -2.48 2.82
CA GLN B 134 -11.58 -1.98 1.87
C GLN B 134 -10.77 -1.35 0.73
N TRP B 135 -10.92 -1.92 -0.47
CA TRP B 135 -10.34 -1.35 -1.68
C TRP B 135 -11.38 -0.48 -2.37
N MET B 136 -10.90 0.65 -2.87
CA MET B 136 -11.67 1.51 -3.73
C MET B 136 -10.98 1.48 -5.07
N ILE B 137 -11.74 1.22 -6.13
CA ILE B 137 -11.19 1.26 -7.50
CA ILE B 137 -11.18 1.26 -7.49
C ILE B 137 -11.90 2.37 -8.24
N VAL B 138 -11.15 3.43 -8.52
CA VAL B 138 -11.70 4.53 -9.30
C VAL B 138 -11.29 4.29 -10.74
N ASP B 139 -12.27 4.15 -11.62
CA ASP B 139 -11.98 4.06 -13.04
C ASP B 139 -12.21 5.43 -13.68
N TYR B 140 -11.12 6.13 -13.93
CA TYR B 140 -11.22 7.46 -14.53
C TYR B 140 -11.69 7.43 -15.98
N LYS B 141 -11.53 6.30 -16.67
CA LYS B 141 -12.13 6.11 -18.00
C LYS B 141 -13.65 6.25 -18.01
N ALA B 142 -14.31 5.95 -16.88
CA ALA B 142 -15.77 6.08 -16.77
C ALA B 142 -16.18 7.44 -16.21
N PHE B 143 -15.19 8.29 -15.97
CA PHE B 143 -15.47 9.61 -15.44
C PHE B 143 -15.56 10.61 -16.56
N LEU B 144 -16.69 11.29 -16.67
CA LEU B 144 -16.82 12.38 -17.62
C LEU B 144 -16.90 13.66 -16.83
N PRO B 145 -15.84 14.50 -16.92
CA PRO B 145 -15.86 15.82 -16.28
C PRO B 145 -17.14 16.56 -16.62
N ASN B 146 -17.84 17.04 -15.58
CA ASN B 146 -19.10 17.79 -15.74
C ASN B 146 -20.31 16.92 -16.09
N GLY B 147 -20.07 15.64 -16.34
CA GLY B 147 -21.13 14.76 -16.81
C GLY B 147 -21.94 14.26 -15.64
N PRO B 148 -23.14 13.75 -15.90
CA PRO B 148 -23.97 13.23 -14.81
C PRO B 148 -23.52 11.79 -14.45
N SER B 149 -24.11 11.19 -13.42
CA SER B 149 -23.78 9.82 -13.06
C SER B 149 -23.91 8.91 -14.27
N PRO B 150 -22.87 8.12 -14.56
CA PRO B 150 -23.00 7.15 -15.63
C PRO B 150 -23.61 5.83 -15.13
N GLY B 151 -23.97 5.79 -13.85
CA GLY B 151 -24.67 4.65 -13.30
C GLY B 151 -23.73 3.58 -12.78
N SER B 152 -22.55 3.47 -13.40
CA SER B 152 -21.63 2.40 -13.06
C SER B 152 -20.20 2.67 -13.48
N ARG B 153 -19.35 1.75 -13.02
CA ARG B 153 -17.94 1.65 -13.47
CA ARG B 153 -17.92 1.60 -13.32
C ARG B 153 -16.94 2.68 -12.89
N VAL B 154 -17.42 3.81 -12.38
CA VAL B 154 -16.53 4.83 -11.83
C VAL B 154 -15.92 4.35 -10.50
N LEU B 155 -16.77 3.80 -9.63
CA LEU B 155 -16.32 3.36 -8.32
C LEU B 155 -16.74 1.96 -7.96
N THR B 156 -15.75 1.12 -7.72
CA THR B 156 -15.96 -0.24 -7.28
C THR B 156 -15.39 -0.35 -5.87
N ILE B 157 -16.22 -0.81 -4.94
CA ILE B 157 -15.78 -1.07 -3.57
C ILE B 157 -15.68 -2.58 -3.35
N LEU B 158 -14.55 -2.99 -2.81
CA LEU B 158 -14.28 -4.38 -2.50
C LEU B 158 -13.88 -4.43 -1.03
N GLU B 159 -14.49 -5.34 -0.28
CA GLU B 159 -14.09 -5.56 1.10
C GLU B 159 -13.73 -7.01 1.34
N GLN B 160 -12.54 -7.22 1.89
CA GLN B 160 -12.03 -8.55 2.13
C GLN B 160 -11.85 -8.79 3.62
N ILE B 161 -12.38 -9.93 4.09
CA ILE B 161 -12.03 -10.52 5.38
C ILE B 161 -11.75 -12.00 5.08
N PRO B 162 -11.26 -12.78 6.06
CA PRO B 162 -11.05 -14.19 5.71
C PRO B 162 -12.35 -14.94 5.28
N GLY B 163 -12.29 -15.62 4.13
CA GLY B 163 -13.41 -16.43 3.65
C GLY B 163 -14.54 -15.66 2.96
N MET B 164 -14.38 -14.34 2.87
CA MET B 164 -15.44 -13.49 2.34
C MET B 164 -14.86 -12.22 1.66
N VAL B 165 -15.23 -12.03 0.40
CA VAL B 165 -14.94 -10.80 -0.34
C VAL B 165 -16.27 -10.33 -0.85
N VAL B 166 -16.62 -9.08 -0.56
CA VAL B 166 -17.85 -8.45 -1.07
C VAL B 166 -17.45 -7.32 -1.99
N VAL B 167 -18.12 -7.23 -3.14
CA VAL B 167 -17.81 -6.26 -4.17
C VAL B 167 -19.11 -5.60 -4.61
N ALA B 168 -19.12 -4.28 -4.70
CA ALA B 168 -20.21 -3.56 -5.33
C ALA B 168 -19.67 -2.38 -6.09
N ASP B 169 -20.35 -2.06 -7.19
CA ASP B 169 -20.14 -0.84 -7.90
C ASP B 169 -20.86 0.25 -7.10
N LYS B 170 -20.12 1.29 -6.71
CA LYS B 170 -20.70 2.29 -5.82
C LYS B 170 -20.77 3.66 -6.44
N THR B 171 -20.77 3.69 -7.77
CA THR B 171 -20.86 4.89 -8.59
C THR B 171 -22.09 5.71 -8.25
N ALA B 172 -23.25 5.06 -8.19
CA ALA B 172 -24.50 5.74 -7.90
C ALA B 172 -24.43 6.44 -6.54
N GLU B 173 -23.88 5.73 -5.55
CA GLU B 173 -23.73 6.26 -4.19
C GLU B 173 -22.73 7.43 -4.20
N LEU B 174 -21.62 7.27 -4.91
CA LEU B 174 -20.68 8.37 -5.09
C LEU B 174 -21.34 9.61 -5.68
N TYR B 175 -22.13 9.42 -6.75
CA TYR B 175 -22.73 10.57 -7.43
C TYR B 175 -23.82 11.23 -6.62
N LYS B 176 -24.54 10.41 -5.87
CA LYS B 176 -25.61 10.83 -4.99
C LYS B 176 -25.08 11.62 -3.78
N THR B 177 -24.14 11.03 -3.04
CA THR B 177 -23.59 11.65 -1.84
C THR B 177 -22.47 12.66 -2.15
N THR B 178 -21.87 12.49 -3.33
CA THR B 178 -20.73 13.26 -3.87
C THR B 178 -19.36 12.86 -3.28
N TYR B 179 -19.36 11.87 -2.40
CA TYR B 179 -18.10 11.40 -1.89
C TYR B 179 -18.13 9.93 -1.47
N TRP B 180 -16.93 9.35 -1.44
CA TRP B 180 -16.69 8.10 -0.75
C TRP B 180 -15.54 8.28 0.22
N ALA B 181 -15.82 8.13 1.52
CA ALA B 181 -14.79 8.18 2.53
C ALA B 181 -14.45 6.77 3.01
N SER B 182 -13.18 6.57 3.31
CA SER B 182 -12.72 5.31 3.89
C SER B 182 -11.85 5.59 5.12
N TYR B 183 -12.05 4.81 6.17
CA TYR B 183 -11.46 5.09 7.48
C TYR B 183 -11.40 3.82 8.34
N ASN B 184 -10.98 2.71 7.73
CA ASN B 184 -10.67 1.49 8.51
C ASN B 184 -11.88 0.71 9.03
N ILE B 185 -13.08 1.06 8.58
CA ILE B 185 -14.28 0.35 9.02
C ILE B 185 -15.03 -0.15 7.81
N PRO B 186 -15.33 -1.47 7.78
CA PRO B 186 -16.05 -1.97 6.62
C PRO B 186 -17.39 -1.29 6.43
N TYR B 187 -17.71 -1.08 5.16
CA TYR B 187 -18.97 -0.47 4.74
C TYR B 187 -20.07 -1.52 4.57
N PHE B 188 -19.72 -2.68 4.05
CA PHE B 188 -20.69 -3.73 3.85
C PHE B 188 -21.00 -4.32 5.22
N GLU B 189 -22.29 -4.28 5.55
CA GLU B 189 -22.82 -4.77 6.82
C GLU B 189 -22.53 -6.26 6.99
N THR B 190 -22.58 -7.03 5.90
CA THR B 190 -22.19 -8.45 6.02
C THR B 190 -20.73 -8.59 6.45
N VAL B 191 -19.85 -7.78 5.87
CA VAL B 191 -18.44 -7.75 6.25
C VAL B 191 -18.27 -7.16 7.65
N PHE B 192 -19.01 -6.11 7.97
CA PHE B 192 -18.94 -5.50 9.29
C PHE B 192 -19.32 -6.55 10.36
N ASN B 193 -20.43 -7.25 10.12
CA ASN B 193 -20.93 -8.25 11.05
C ASN B 193 -20.05 -9.49 11.15
N ALA B 194 -19.60 -9.99 10.00
CA ALA B 194 -18.85 -11.24 9.95
C ALA B 194 -17.51 -11.07 10.64
N SER B 195 -16.98 -9.85 10.66
CA SER B 195 -15.66 -9.62 11.23
C SER B 195 -15.70 -9.12 12.68
N GLY B 196 -16.85 -9.23 13.32
CA GLY B 196 -16.91 -9.06 14.76
C GLY B 196 -16.90 -7.61 15.25
N LEU B 197 -17.30 -6.69 14.38
CA LEU B 197 -17.29 -5.27 14.74
C LEU B 197 -18.48 -4.83 15.60
N GLN B 198 -19.59 -5.55 15.52
CA GLN B 198 -20.77 -5.27 16.37
C GLN B 198 -20.48 -5.34 17.87
N ALA B 199 -19.67 -6.34 18.25
CA ALA B 199 -19.28 -6.58 19.63
C ALA B 199 -18.43 -5.43 20.16
N LEU B 200 -17.65 -4.81 19.27
CA LEU B 200 -16.79 -3.71 19.65
C LEU B 200 -17.53 -2.40 19.69
N VAL B 201 -18.55 -2.27 18.83
CA VAL B 201 -19.52 -1.17 18.93
C VAL B 201 -20.23 -1.29 20.28
N ALA B 202 -20.72 -2.49 20.57
CA ALA B 202 -21.37 -2.79 21.85
C ALA B 202 -20.48 -2.48 23.06
N GLN B 203 -19.20 -2.81 22.98
CA GLN B 203 -18.29 -2.62 24.12
C GLN B 203 -17.72 -1.20 24.21
N TYR B 204 -17.40 -0.59 23.07
CA TYR B 204 -16.67 0.68 23.08
C TYR B 204 -17.44 1.83 22.48
N GLY B 205 -18.46 1.51 21.70
CA GLY B 205 -19.31 2.55 21.14
C GLY B 205 -18.90 3.00 19.75
N ASP B 206 -19.09 4.30 19.51
CA ASP B 206 -19.17 4.88 18.17
C ASP B 206 -17.88 4.77 17.38
N TRP B 207 -16.76 4.75 18.09
CA TRP B 207 -15.47 4.59 17.46
C TRP B 207 -15.42 3.43 16.46
N PHE B 208 -16.18 2.37 16.73
CA PHE B 208 -16.20 1.21 15.83
C PHE B 208 -17.38 1.20 14.87
N SER B 209 -18.20 2.23 14.99
CA SER B 209 -19.35 2.39 14.13
C SER B 209 -18.93 2.89 12.75
N TYR B 210 -19.46 2.27 11.70
CA TYR B 210 -19.25 2.77 10.36
C TYR B 210 -19.60 4.26 10.17
N THR B 211 -20.76 4.68 10.66
CA THR B 211 -21.24 6.03 10.39
C THR B 211 -20.94 7.04 11.50
N LYS B 212 -20.73 6.56 12.74
CA LYS B 212 -20.54 7.46 13.89
C LYS B 212 -19.11 7.59 14.41
N ASN B 213 -18.14 6.90 13.81
CA ASN B 213 -16.79 7.04 14.34
C ASN B 213 -16.28 8.46 14.06
N PRO B 214 -15.27 8.91 14.79
CA PRO B 214 -14.80 10.31 14.62
C PRO B 214 -14.49 10.71 13.17
N ARG B 215 -13.85 9.82 12.40
CA ARG B 215 -13.47 10.14 11.03
C ARG B 215 -14.66 10.15 10.10
N ALA B 216 -15.55 9.17 10.23
CA ALA B 216 -16.83 9.18 9.52
C ALA B 216 -17.51 10.52 9.76
N LYS B 217 -17.59 10.90 11.04
CA LYS B 217 -18.21 12.17 11.43
C LYS B 217 -17.52 13.40 10.88
N ILE B 218 -16.19 13.43 10.89
CA ILE B 218 -15.44 14.58 10.35
C ILE B 218 -15.62 14.70 8.84
N PHE B 219 -15.49 13.57 8.15
CA PHE B 219 -15.81 13.48 6.72
C PHE B 219 -17.26 13.92 6.39
N GLN B 220 -18.24 13.43 7.14
CA GLN B 220 -19.62 13.84 6.94
C GLN B 220 -19.77 15.37 7.07
N ARG B 221 -19.01 15.94 7.99
CA ARG B 221 -19.13 17.34 8.34
C ARG B 221 -18.38 18.18 7.35
N ASP B 222 -17.18 17.71 6.97
CA ASP B 222 -16.22 18.55 6.26
C ASP B 222 -15.92 18.22 4.80
N GLN B 223 -16.33 17.04 4.32
CA GLN B 223 -15.98 16.59 2.96
C GLN B 223 -16.34 17.61 1.89
N SER B 224 -17.51 18.25 2.02
CA SER B 224 -17.99 19.22 1.00
C SER B 224 -17.09 20.44 0.84
N LEU B 225 -16.26 20.69 1.85
CA LEU B 225 -15.25 21.75 1.82
C LEU B 225 -14.11 21.39 0.91
N VAL B 226 -14.04 20.14 0.46
CA VAL B 226 -13.01 19.82 -0.54
C VAL B 226 -13.49 20.21 -1.93
N GLU B 227 -13.00 21.36 -2.35
CA GLU B 227 -13.45 22.01 -3.55
C GLU B 227 -12.36 21.99 -4.59
N ASP B 228 -11.19 21.48 -4.19
CA ASP B 228 -10.02 21.43 -5.06
C ASP B 228 -8.89 20.61 -4.43
N MET B 229 -7.76 20.58 -5.11
CA MET B 229 -6.64 19.72 -4.72
C MET B 229 -6.05 20.08 -3.38
N ASP B 230 -5.89 21.38 -3.12
CA ASP B 230 -5.33 21.84 -1.86
C ASP B 230 -6.30 21.69 -0.73
N ALA B 231 -7.58 21.84 -1.02
CA ALA B 231 -8.60 21.60 -0.01
C ALA B 231 -8.61 20.11 0.39
N MET B 232 -8.46 19.22 -0.59
CA MET B 232 -8.29 17.77 -0.35
C MET B 232 -7.07 17.46 0.54
N VAL B 233 -5.92 18.03 0.19
CA VAL B 233 -4.71 17.93 1.01
C VAL B 233 -5.03 18.33 2.44
N ARG B 234 -5.73 19.45 2.58
CA ARG B 234 -6.05 20.00 3.86
C ARG B 234 -6.93 19.11 4.74
N LEU B 235 -8.01 18.57 4.17
CA LEU B 235 -8.83 17.61 4.89
C LEU B 235 -8.11 16.29 5.17
N MET B 236 -7.35 15.83 4.23
CA MET B 236 -6.55 14.68 4.46
C MET B 236 -5.43 14.80 5.45
N ARG B 237 -4.87 15.99 5.59
CA ARG B 237 -4.00 16.34 6.67
C ARG B 237 -4.69 16.68 7.94
N TYR B 238 -5.99 16.57 8.03
CA TYR B 238 -6.67 17.20 9.11
C TYR B 238 -6.46 16.57 10.48
N ASN B 239 -5.89 17.35 11.37
CA ASN B 239 -5.88 17.02 12.79
C ASN B 239 -5.87 18.30 13.62
N ASP B 240 -6.95 18.54 14.35
CA ASP B 240 -7.04 19.65 15.29
C ASP B 240 -7.71 19.10 16.56
N PHE B 241 -7.12 18.03 17.08
CA PHE B 241 -7.78 17.20 18.07
C PHE B 241 -8.04 17.89 19.40
N LEU B 242 -7.24 18.92 19.69
CA LEU B 242 -7.38 19.69 20.94
C LEU B 242 -8.66 20.51 20.95
N HIS B 243 -9.10 20.92 19.75
CA HIS B 243 -10.20 21.89 19.62
C HIS B 243 -11.42 21.39 18.89
N ASP B 244 -11.30 20.24 18.25
CA ASP B 244 -12.40 19.67 17.48
C ASP B 244 -13.23 18.74 18.37
N PRO B 245 -14.52 19.06 18.53
CA PRO B 245 -15.38 18.21 19.38
C PRO B 245 -15.46 16.77 18.84
N LEU B 246 -15.24 16.62 17.54
CA LEU B 246 -15.31 15.29 16.93
C LEU B 246 -14.11 14.43 17.34
N SER B 247 -13.06 15.09 17.83
CA SER B 247 -11.87 14.43 18.34
C SER B 247 -11.93 14.04 19.81
N LEU B 248 -13.06 14.34 20.45
CA LEU B 248 -13.30 14.01 21.86
C LEU B 248 -13.49 12.52 22.04
N CYS B 249 -12.69 11.94 22.92
CA CYS B 249 -12.89 10.58 23.32
C CYS B 249 -13.47 10.62 24.73
N GLU B 250 -14.73 10.24 24.84
CA GLU B 250 -15.49 10.38 26.10
C GLU B 250 -15.03 9.42 27.20
N ALA B 251 -14.62 8.22 26.81
CA ALA B 251 -14.00 7.25 27.73
C ALA B 251 -12.54 7.56 28.07
N CYS B 252 -11.97 8.57 27.43
CA CYS B 252 -10.55 8.91 27.63
C CYS B 252 -10.36 9.99 28.69
N ASN B 253 -9.20 9.97 29.31
CA ASN B 253 -8.72 11.12 30.07
C ASN B 253 -7.26 11.35 29.69
N PRO B 254 -6.97 12.49 29.02
CA PRO B 254 -7.87 13.59 28.66
C PRO B 254 -8.82 13.21 27.52
N LYS B 255 -9.79 14.06 27.23
CA LYS B 255 -10.82 13.73 26.22
C LYS B 255 -10.36 13.96 24.78
N PRO B 256 -9.74 15.11 24.50
CA PRO B 256 -9.17 15.20 23.15
C PRO B 256 -8.19 14.05 22.90
N ASN B 257 -8.40 13.36 21.78
CA ASN B 257 -7.49 12.32 21.35
C ASN B 257 -7.03 12.52 19.90
N ALA B 258 -5.72 12.59 19.73
CA ALA B 258 -5.06 12.81 18.44
C ALA B 258 -5.23 11.68 17.42
N GLU B 259 -5.71 10.51 17.85
CA GLU B 259 -6.15 9.43 16.97
C GLU B 259 -7.44 9.79 16.21
N ASN B 260 -8.24 10.66 16.80
CA ASN B 260 -9.57 10.93 16.32
C ASN B 260 -9.61 12.11 15.35
N ALA B 261 -8.96 11.92 14.21
CA ALA B 261 -8.79 12.94 13.19
C ALA B 261 -8.57 12.23 11.86
N ILE B 262 -8.64 12.97 10.76
CA ILE B 262 -8.37 12.37 9.46
C ILE B 262 -6.93 11.88 9.38
N SER B 263 -6.00 12.72 9.85
CA SER B 263 -4.60 12.37 9.93
C SER B 263 -4.12 12.24 11.39
N ALA B 264 -4.19 11.03 11.95
CA ALA B 264 -3.82 10.77 13.35
C ALA B 264 -2.41 11.24 13.72
N ARG B 265 -2.27 11.68 14.97
CA ARG B 265 -0.99 12.06 15.55
C ARG B 265 -0.94 11.45 16.94
N SER B 266 -0.85 10.13 16.99
CA SER B 266 -0.93 9.39 18.25
C SER B 266 0.20 9.78 19.19
N ASP B 267 1.31 10.24 18.61
CA ASP B 267 2.46 10.73 19.36
C ASP B 267 2.13 11.85 20.32
N LEU B 268 1.05 12.58 20.05
CA LEU B 268 0.67 13.77 20.80
C LEU B 268 -0.25 13.47 21.96
N ASN B 269 -0.72 12.23 22.06
CA ASN B 269 -1.47 11.79 23.20
C ASN B 269 -0.53 11.66 24.40
N PRO B 270 -0.97 12.11 25.59
CA PRO B 270 -0.15 11.93 26.79
C PRO B 270 0.10 10.46 27.12
N ALA B 271 1.33 10.15 27.52
CA ALA B 271 1.74 8.79 27.90
C ALA B 271 1.01 8.28 29.14
N ASN B 272 0.69 9.19 30.06
CA ASN B 272 -0.02 8.83 31.29
C ASN B 272 -1.53 8.94 31.12
N GLY B 273 -1.97 9.17 29.89
CA GLY B 273 -3.39 9.23 29.57
C GLY B 273 -4.09 7.92 29.87
N SER B 274 -5.39 8.00 30.15
CA SER B 274 -6.21 6.83 30.37
C SER B 274 -7.07 6.59 29.11
N TYR B 275 -6.96 5.40 28.52
CA TYR B 275 -7.57 5.10 27.22
C TYR B 275 -8.24 3.71 27.20
N PRO B 276 -9.46 3.60 26.63
CA PRO B 276 -10.20 2.35 26.70
C PRO B 276 -9.61 1.22 25.86
N PHE B 277 -8.81 1.57 24.86
CA PHE B 277 -8.18 0.57 23.99
C PHE B 277 -6.97 1.18 23.30
N GLN B 278 -6.10 0.29 22.84
CA GLN B 278 -4.75 0.61 22.37
C GLN B 278 -4.62 1.68 21.25
N ALA B 279 -5.55 1.68 20.30
CA ALA B 279 -5.51 2.64 19.20
C ALA B 279 -5.35 4.09 19.69
N LEU B 280 -5.95 4.35 20.85
CA LEU B 280 -6.09 5.69 21.40
C LEU B 280 -4.91 6.13 22.23
N HIS B 281 -3.96 5.23 22.45
CA HIS B 281 -2.80 5.50 23.30
C HIS B 281 -1.84 6.47 22.63
N GLN B 282 -0.88 6.95 23.40
CA GLN B 282 0.31 7.53 22.81
C GLN B 282 1.06 6.45 22.00
N ARG B 283 1.35 6.76 20.73
CA ARG B 283 2.05 5.83 19.84
C ARG B 283 2.88 6.59 18.82
N ALA B 284 4.00 5.99 18.39
CA ALA B 284 4.76 6.53 17.24
C ALA B 284 4.05 6.04 15.97
N HIS B 285 2.85 6.59 15.76
CA HIS B 285 1.94 6.10 14.75
C HIS B 285 0.93 7.20 14.45
N GLY B 286 0.54 7.32 13.19
CA GLY B 286 -0.44 8.29 12.78
C GLY B 286 -0.42 8.40 11.27
N GLY B 287 -1.05 9.44 10.74
CA GLY B 287 -1.00 9.71 9.32
C GLY B 287 0.40 10.14 8.94
N ILE B 288 0.95 9.52 7.91
CA ILE B 288 2.35 9.77 7.57
C ILE B 288 2.51 10.31 6.18
N ASP B 289 1.39 10.55 5.51
CA ASP B 289 1.40 11.15 4.19
C ASP B 289 -0.01 11.55 3.75
N VAL B 290 -0.06 12.24 2.60
CA VAL B 290 -1.27 12.35 1.80
C VAL B 290 -0.78 12.21 0.37
N LYS B 291 -1.54 11.50 -0.45
CA LYS B 291 -1.34 11.44 -1.90
C LYS B 291 -2.68 11.80 -2.48
N VAL B 292 -2.69 12.66 -3.48
CA VAL B 292 -3.93 13.10 -4.09
C VAL B 292 -3.77 13.07 -5.60
N THR B 293 -4.81 12.65 -6.30
CA THR B 293 -4.85 12.78 -7.75
C THR B 293 -6.22 13.25 -8.22
N SER B 294 -6.29 13.61 -9.49
CA SER B 294 -7.49 14.11 -10.12
C SER B 294 -7.56 13.46 -11.48
N PHE B 295 -8.64 13.74 -12.21
CA PHE B 295 -8.83 13.20 -13.54
C PHE B 295 -7.65 13.54 -14.47
N THR B 296 -7.24 14.80 -14.46
CA THR B 296 -6.15 15.26 -15.31
C THR B 296 -4.81 14.77 -14.83
N LEU B 297 -4.63 14.76 -13.51
CA LEU B 297 -3.40 14.33 -12.93
C LEU B 297 -3.17 12.83 -13.13
N ALA B 298 -4.21 12.01 -12.87
CA ALA B 298 -4.17 10.56 -13.10
C ALA B 298 -3.84 10.25 -14.55
N LYS B 299 -4.45 11.02 -15.45
CA LYS B 299 -4.27 10.91 -16.89
C LYS B 299 -2.81 11.10 -17.22
N TYR B 300 -2.13 12.00 -16.50
CA TYR B 300 -0.70 12.20 -16.69
C TYR B 300 0.16 11.46 -15.67
N MET B 301 -0.43 10.43 -15.06
CA MET B 301 0.26 9.50 -14.15
C MET B 301 0.90 10.26 -13.03
N SER B 302 0.12 11.14 -12.44
CA SER B 302 0.69 12.13 -11.56
C SER B 302 -0.18 12.42 -10.33
N MET B 303 0.47 12.91 -9.28
CA MET B 303 -0.19 13.12 -8.00
C MET B 303 0.39 14.31 -7.26
N LEU B 304 -0.40 14.85 -6.34
CA LEU B 304 0.13 15.66 -5.25
C LEU B 304 0.47 14.70 -4.12
N ALA B 305 1.67 14.80 -3.58
CA ALA B 305 2.06 13.97 -2.44
C ALA B 305 2.74 14.78 -1.34
N ALA B 306 2.30 14.57 -0.09
CA ALA B 306 2.96 15.18 1.08
C ALA B 306 3.41 14.09 2.08
N SER B 307 4.64 14.23 2.56
CA SER B 307 5.26 13.19 3.38
C SER B 307 5.42 13.65 4.81
N GLY B 308 5.06 12.79 5.74
CA GLY B 308 5.29 13.08 7.14
C GLY B 308 3.98 13.25 7.87
N PRO B 309 4.03 13.21 9.22
CA PRO B 309 2.86 13.45 10.04
C PRO B 309 2.31 14.86 9.79
N THR B 310 1.02 15.04 9.97
CA THR B 310 0.40 16.34 9.73
C THR B 310 0.93 17.47 10.68
N TRP B 311 1.17 18.64 10.12
CA TRP B 311 1.63 19.77 10.93
C TRP B 311 0.82 21.03 10.60
N ASP B 312 -0.40 20.85 10.07
CA ASP B 312 -1.26 21.97 9.75
C ASP B 312 -1.73 22.68 10.98
N GLN B 313 -2.05 21.91 12.02
CA GLN B 313 -2.64 22.45 13.25
C GLN B 313 -2.15 21.67 14.46
N CYS B 314 -1.07 20.92 14.26
CA CYS B 314 -0.44 20.15 15.29
C CYS B 314 0.99 20.58 15.18
N PRO B 315 1.73 20.58 16.31
CA PRO B 315 3.15 20.90 16.15
C PRO B 315 3.78 19.81 15.26
N PRO B 316 4.70 20.24 14.36
CA PRO B 316 5.43 19.32 13.50
C PRO B 316 6.05 18.21 14.32
N PHE B 317 5.99 16.99 13.80
CA PHE B 317 6.65 15.87 14.45
C PHE B 317 8.15 16.03 14.26
N GLN B 318 8.88 15.77 15.33
CA GLN B 318 10.32 15.86 15.31
C GLN B 318 10.82 14.78 16.21
N TRP B 319 11.57 13.84 15.64
CA TRP B 319 11.96 12.64 16.40
C TRP B 319 12.65 13.01 17.71
N SER B 320 13.66 13.86 17.62
CA SER B 320 14.48 14.27 18.78
C SER B 320 13.69 15.05 19.82
N LYS B 321 12.57 15.64 19.39
CA LYS B 321 11.69 16.40 20.28
C LYS B 321 10.40 15.62 20.43
N SER B 322 10.51 14.32 20.68
CA SER B 322 9.34 13.46 20.77
C SER B 322 9.55 12.42 21.85
N PRO B 323 8.47 11.76 22.31
CA PRO B 323 8.68 10.65 23.25
C PRO B 323 9.46 9.50 22.62
N PHE B 324 9.76 9.59 21.32
CA PHE B 324 10.24 8.46 20.53
C PHE B 324 11.61 8.67 19.93
N HIS B 325 12.36 9.62 20.49
CA HIS B 325 13.70 10.00 20.01
C HIS B 325 14.68 8.83 19.90
N SER B 326 14.49 7.83 20.75
CA SER B 326 15.37 6.66 20.81
C SER B 326 15.03 5.56 19.81
N MET B 327 13.87 5.68 19.17
CA MET B 327 13.43 4.71 18.18
C MET B 327 14.31 4.81 16.96
N LEU B 328 14.58 3.66 16.35
CA LEU B 328 15.39 3.61 15.17
C LEU B 328 14.61 4.26 14.04
N HIS B 329 15.26 5.24 13.42
CA HIS B 329 14.69 5.95 12.27
C HIS B 329 15.83 6.39 11.34
N MET B 330 16.72 5.46 11.01
CA MET B 330 17.87 5.72 10.15
C MET B 330 17.45 6.30 8.82
N GLY B 331 18.16 7.34 8.42
CA GLY B 331 17.97 7.95 7.13
C GLY B 331 16.83 8.93 7.12
N GLN B 332 16.06 8.98 8.21
CA GLN B 332 14.86 9.82 8.25
C GLN B 332 15.19 11.21 8.72
N PRO B 333 14.56 12.23 8.11
CA PRO B 333 14.66 13.56 8.66
C PRO B 333 14.25 13.53 10.13
N ASP B 334 14.85 14.41 10.93
CA ASP B 334 14.49 14.54 12.31
C ASP B 334 13.16 15.29 12.42
N LEU B 335 13.05 16.42 11.74
CA LEU B 335 11.89 17.29 11.79
C LEU B 335 11.08 17.03 10.54
N TRP B 336 9.76 16.88 10.73
CA TRP B 336 8.85 16.61 9.63
C TRP B 336 7.91 17.79 9.40
N MET B 337 8.30 18.64 8.45
CA MET B 337 7.56 19.84 8.10
C MET B 337 7.47 20.02 6.58
N PHE B 338 7.26 18.91 5.89
CA PHE B 338 7.27 18.91 4.43
C PHE B 338 5.92 19.26 3.82
N SER B 339 5.97 20.04 2.75
CA SER B 339 4.77 20.46 2.04
C SER B 339 4.48 19.49 0.88
N PRO B 340 3.23 19.54 0.36
CA PRO B 340 2.91 18.71 -0.78
C PRO B 340 3.78 19.08 -1.97
N ILE B 341 4.12 18.07 -2.76
CA ILE B 341 4.87 18.27 -3.98
C ILE B 341 4.15 17.51 -5.08
N ARG B 342 4.27 18.02 -6.29
CA ARG B 342 3.77 17.38 -7.51
C ARG B 342 4.76 16.28 -7.91
N VAL B 343 4.25 15.07 -8.14
CA VAL B 343 5.12 13.91 -8.32
C VAL B 343 4.81 13.07 -9.56
N PRO B 344 5.50 13.36 -10.68
CA PRO B 344 6.29 14.54 -10.99
C PRO B 344 5.68 15.27 -12.17
C1 NAG C . 13.32 -15.68 -21.12
C2 NAG C . 13.24 -17.16 -21.05
C3 NAG C . 14.40 -17.82 -20.39
C4 NAG C . 15.69 -17.37 -20.94
C5 NAG C . 15.68 -15.90 -20.79
C6 NAG C . 16.90 -15.22 -21.34
C7 NAG C . 11.64 -17.55 -19.22
C8 NAG C . 10.33 -18.11 -18.91
N2 NAG C . 11.98 -17.53 -20.46
O3 NAG C . 14.28 -19.17 -20.55
O4 NAG C . 16.64 -17.88 -20.11
O5 NAG C . 14.59 -15.27 -21.34
O6 NAG C . 17.08 -15.40 -22.69
O7 NAG C . 12.30 -17.15 -18.38
C1 NAG C . 17.67 -18.64 -20.73
C2 NAG C . 18.86 -18.66 -19.82
C3 NAG C . 19.87 -19.71 -20.25
C4 NAG C . 19.22 -21.02 -20.18
C5 NAG C . 18.15 -20.90 -21.23
C6 NAG C . 17.38 -22.18 -21.33
C7 NAG C . 19.56 -16.76 -18.64
C8 NAG C . 19.82 -15.36 -18.72
N2 NAG C . 19.46 -17.40 -19.75
O3 NAG C . 20.90 -19.87 -19.39
O4 NAG C . 20.13 -22.06 -20.40
O5 NAG C . 17.26 -19.95 -20.76
O6 NAG C . 16.39 -22.06 -20.39
O7 NAG C . 19.47 -17.18 -17.55
C1 NAG D . -4.91 -21.46 17.17
C2 NAG D . -4.93 -22.63 16.16
C3 NAG D . -6.29 -23.34 16.01
C4 NAG D . -7.03 -23.49 17.35
C5 NAG D . -7.00 -22.16 18.10
C6 NAG D . -7.79 -22.22 19.40
C7 NAG D . -3.14 -22.33 14.52
C8 NAG D . -2.80 -22.33 13.05
N2 NAG D . -4.42 -22.19 14.87
O3 NAG D . -6.12 -24.61 15.42
O4 NAG D . -8.36 -23.91 17.12
O5 NAG D . -5.65 -21.78 18.35
O6 NAG D . -7.98 -20.90 19.86
O7 NAG D . -2.23 -22.43 15.34
C ACT E . 26.45 -0.40 7.31
O ACT E . 25.99 -1.17 6.44
OXT ACT E . 26.60 0.79 6.96
CH3 ACT E . 26.83 -0.86 8.69
C1 GOL F . 12.94 21.57 3.44
O1 GOL F . 13.83 21.09 4.41
C2 GOL F . 11.61 22.02 4.06
O2 GOL F . 11.12 21.04 4.94
C3 GOL F . 11.76 23.37 4.78
O3 GOL F . 10.75 23.53 5.77
O1 PG4 G . 14.93 -19.65 2.75
C1 PG4 G . 14.41 -20.69 1.91
C2 PG4 G . 13.07 -21.27 2.44
O2 PG4 G . 12.10 -21.44 1.36
C3 PG4 G . 10.73 -20.94 1.61
C4 PG4 G . 9.76 -21.20 0.44
O3 PG4 G . 9.15 -22.54 0.15
C5 PG4 G . 9.64 -23.03 -1.16
C6 PG4 G . 9.06 -22.46 -2.49
O4 PG4 G . 9.72 -21.30 -3.13
C7 PG4 G . 9.10 -19.99 -2.96
C8 PG4 G . 8.62 -19.18 -4.17
O5 PG4 G . 7.15 -19.07 -4.30
C ACT H . 8.04 -10.81 16.51
O ACT H . 9.25 -10.67 16.20
OXT ACT H . 7.55 -9.91 17.25
CH3 ACT H . 7.22 -11.97 16.05
C1 NAG I . -25.70 -7.25 11.44
C2 NAG I . -27.05 -7.58 10.80
C3 NAG I . -28.16 -6.75 11.44
C4 NAG I . -28.09 -6.77 12.96
C5 NAG I . -26.69 -6.36 13.42
C6 NAG I . -26.55 -6.39 14.94
C7 NAG I . -26.59 -8.13 8.45
C8 NAG I . -26.88 -7.75 7.02
N2 NAG I . -27.03 -7.29 9.39
O3 NAG I . -29.39 -7.30 11.03
O4 NAG I . -29.08 -5.92 13.51
O5 NAG I . -25.74 -7.24 12.85
O6 NAG I . -26.66 -7.73 15.39
O7 NAG I . -25.95 -9.15 8.71
C ACT J . -22.97 18.90 -5.50
O ACT J . -21.91 19.53 -5.35
OXT ACT J . -23.09 18.26 -6.57
CH3 ACT J . -24.02 18.91 -4.45
C1 GOL K . -4.12 1.34 13.72
O1 GOL K . -3.19 1.19 14.77
C2 GOL K . -5.16 2.41 14.07
O2 GOL K . -4.47 3.58 14.44
C3 GOL K . -6.13 2.67 12.91
O3 GOL K . -7.48 2.65 13.34
C1 GOL L . 6.60 15.23 18.11
O1 GOL L . 7.86 15.83 17.91
C2 GOL L . 6.41 14.64 19.52
O2 GOL L . 5.71 13.42 19.40
C3 GOL L . 5.76 15.61 20.52
O3 GOL L . 5.31 14.98 21.71
O1 PG4 M . -13.70 13.84 -21.06
C1 PG4 M . -12.91 12.65 -21.03
C2 PG4 M . -13.77 11.46 -20.55
O2 PG4 M . -13.17 10.60 -19.54
C3 PG4 M . -12.36 9.55 -20.12
C4 PG4 M . -11.14 9.22 -19.22
O3 PG4 M . -9.82 9.43 -19.81
C5 PG4 M . -8.75 9.36 -18.83
C6 PG4 M . -8.50 7.95 -18.27
O4 PG4 M . -7.20 7.41 -18.62
C7 PG4 M . -7.35 6.38 -19.63
C8 PG4 M . -6.12 5.48 -19.68
O5 PG4 M . -6.28 4.48 -20.69
C1 GOL N . -9.83 21.09 6.03
O1 GOL N . -10.18 21.06 7.41
C2 GOL N . -10.99 21.54 5.13
O2 GOL N . -10.97 22.95 5.02
C3 GOL N . -10.81 21.00 3.72
O3 GOL N . -10.34 22.08 2.94
C1 GOL O . -2.62 -15.31 -27.13
O1 GOL O . -2.93 -16.63 -26.73
C2 GOL O . -3.86 -14.43 -27.10
O2 GOL O . -4.08 -13.89 -25.80
C3 GOL O . -3.74 -13.31 -28.13
O3 GOL O . -4.93 -12.57 -28.16
NA NA P . -3.12 -0.06 4.55
C21 7PE Q . -13.33 28.29 10.64
C20 7PE Q . -14.79 28.44 11.10
O19 7PE Q . -14.82 28.83 12.49
C18 7PE Q . -16.12 28.70 13.08
C17 7PE Q . -16.33 27.41 13.87
O16 7PE Q . -17.26 26.53 13.18
C15 7PE Q . -17.10 25.13 13.58
C14 7PE Q . -15.92 24.48 12.81
O13 7PE Q . -15.98 23.03 12.82
C12 7PE Q . -14.94 22.46 13.65
C11 7PE Q . -13.62 22.17 12.92
O10 7PE Q . -13.70 22.32 11.51
C9 7PE Q . -12.39 22.42 10.92
C8 7PE Q . -12.41 22.94 9.47
O7 7PE Q . -11.92 24.31 9.31
C6 7PE Q . -10.48 24.43 9.43
C5 7PE Q . -10.09 25.88 9.77
O4 7PE Q . -8.78 26.07 10.40
C3 7PE Q . -7.64 25.59 9.60
C2 7PE Q . -6.38 26.47 9.62
O1 7PE Q . -5.48 26.03 8.59
#